data_6KUX
#
_entry.id   6KUX
#
_cell.length_a   71.170
_cell.length_b   71.790
_cell.length_c   284.310
_cell.angle_alpha   90.00
_cell.angle_beta   90.00
_cell.angle_gamma   90.00
#
_symmetry.space_group_name_H-M   'C 2 2 21'
#
loop_
_entity.id
_entity.type
_entity.pdbx_description
1 polymer 'alpha2A adrenergic receptor'
2 non-polymer (8~{a}~{R},12~{a}~{S},13~{a}~{S})-12-ethylsulfonyl-3-methoxy-5,6,8,8~{a},9,10,11,12~{a},13,13~{a}-decahydroisoquinolino[2,1-g][1,6]naphthyridine
3 non-polymer DI(HYDROXYETHYL)ETHER
4 non-polymer 'OLEIC ACID'
5 non-polymer 'CITRATE ANION'
#
_entity_poly.entity_id   1
_entity_poly.type   'polypeptide(L)'
_entity_poly.pdbx_seq_one_letter_code
;GGGARATPYSLQVTLTLVCLAGLLMLLTVFGNVLVIIAVFTSRALKAPQNLFLVSLASADILVATLVIPFSLANEVMGYW
YFGKAWCEIYLALDVLFCTSSAWHLCAISLDRYWSITQAIEYNLKRTPRRIKAIIITVWVISAVISFPPLISIEKKGGGG
GPQPAEPRCEINDQKWYVISSCIGSFFAPCLIMILVYVRIYQIAKRRTADLEDNWETLNDNLKVIEKADNAAQVKDALTK
MRAAALDAQKATPPKLEDKSPDSPEMKDFRHGFDILVGQIDDALKLANEGKVKEAQAAAEQLKTTRNAYIQKYLRQNREK
RFTFVLAVVIGVFVVCWFPFFFTYTLTAVGCSVPRTLFKFFFWFGYCNSSLNPVIYTIFNHDFRRAFKKILCRGD
;
_entity_poly.pdbx_strand_id   A
#
loop_
_chem_comp.id
_chem_comp.type
_chem_comp.name
_chem_comp.formula
E3F non-polymer (8~{a}~{R},12~{a}~{S},13~{a}~{S})-12-ethylsulfonyl-3-methoxy-5,6,8,8~{a},9,10,11,12~{a},13,13~{a}-decahydroisoquinolino[2,1-g][1,6]naphthyridine 'C19 H28 N2 O3 S'
FLC non-polymer 'CITRATE ANION' 'C6 H5 O7 -3'
OLA non-polymer 'OLEIC ACID' 'C18 H34 O2'
PEG non-polymer DI(HYDROXYETHYL)ETHER 'C4 H10 O3'
#
# COMPACT_ATOMS: atom_id res chain seq x y z
N SER A 10 29.63 -24.78 10.73
CA SER A 10 28.44 -25.19 11.46
C SER A 10 27.41 -25.82 10.53
N LEU A 11 27.51 -25.50 9.25
CA LEU A 11 26.61 -26.02 8.23
C LEU A 11 27.37 -26.88 7.25
N GLN A 12 26.64 -27.79 6.59
CA GLN A 12 27.24 -28.65 5.58
C GLN A 12 27.80 -27.82 4.43
N VAL A 13 27.01 -26.88 3.94
CA VAL A 13 27.48 -25.92 2.93
C VAL A 13 27.29 -24.52 3.49
N THR A 14 28.20 -23.63 3.14
CA THR A 14 28.21 -22.28 3.71
C THR A 14 28.24 -21.19 2.65
N LEU A 15 28.97 -21.39 1.55
CA LEU A 15 29.08 -20.36 0.52
C LEU A 15 27.72 -20.04 -0.09
N THR A 16 26.80 -21.00 -0.11
CA THR A 16 25.49 -20.75 -0.68
C THR A 16 24.69 -19.76 0.16
N LEU A 17 24.75 -19.89 1.49
CA LEU A 17 23.97 -19.03 2.36
C LEU A 17 24.50 -17.60 2.38
N VAL A 18 25.83 -17.45 2.38
CA VAL A 18 26.41 -16.10 2.41
C VAL A 18 26.20 -15.40 1.07
N CYS A 19 26.20 -16.15 -0.04
CA CYS A 19 25.86 -15.56 -1.33
C CYS A 19 24.39 -15.18 -1.39
N LEU A 20 23.53 -15.97 -0.75
CA LEU A 20 22.12 -15.61 -0.65
C LEU A 20 21.96 -14.31 0.12
N ALA A 21 22.63 -14.18 1.27
CA ALA A 21 22.50 -12.98 2.08
C ALA A 21 23.08 -11.76 1.38
N GLY A 22 24.21 -11.93 0.69
CA GLY A 22 24.75 -10.83 -0.09
C GLY A 22 23.84 -10.43 -1.24
N LEU A 23 23.20 -11.41 -1.88
CA LEU A 23 22.17 -11.13 -2.87
C LEU A 23 21.03 -10.31 -2.26
N LEU A 24 20.61 -10.68 -1.05
CA LEU A 24 19.53 -9.97 -0.38
C LEU A 24 19.96 -8.55 0.00
N MET A 25 21.19 -8.39 0.50
CA MET A 25 21.67 -7.07 0.87
C MET A 25 21.83 -6.17 -0.35
N LEU A 26 22.28 -6.74 -1.47
CA LEU A 26 22.41 -5.95 -2.69
C LEU A 26 21.05 -5.48 -3.19
N LEU A 27 20.04 -6.36 -3.15
CA LEU A 27 18.70 -5.98 -3.56
C LEU A 27 18.14 -4.86 -2.70
N THR A 28 18.37 -4.94 -1.37
CA THR A 28 17.86 -3.92 -0.47
C THR A 28 18.54 -2.57 -0.73
N VAL A 29 19.86 -2.57 -0.77
CA VAL A 29 20.61 -1.32 -0.98
C VAL A 29 20.26 -0.71 -2.33
N PHE A 30 20.27 -1.53 -3.38
CA PHE A 30 20.03 -1.02 -4.73
C PHE A 30 18.62 -0.46 -4.87
N GLY A 31 17.62 -1.20 -4.38
CA GLY A 31 16.26 -0.74 -4.54
C GLY A 31 15.95 0.50 -3.72
N ASN A 32 16.43 0.54 -2.48
CA ASN A 32 16.10 1.66 -1.60
C ASN A 32 16.87 2.92 -1.98
N VAL A 33 18.13 2.78 -2.40
CA VAL A 33 18.87 3.95 -2.86
C VAL A 33 18.28 4.46 -4.17
N LEU A 34 17.67 3.57 -4.95
CA LEU A 34 16.99 4.00 -6.16
C LEU A 34 15.70 4.74 -5.83
N VAL A 35 15.01 4.32 -4.76
CA VAL A 35 13.82 5.03 -4.31
C VAL A 35 14.19 6.43 -3.82
N ILE A 36 15.27 6.52 -3.03
CA ILE A 36 15.66 7.82 -2.47
C ILE A 36 16.06 8.78 -3.58
N ILE A 37 16.86 8.30 -4.54
CA ILE A 37 17.28 9.15 -5.65
C ILE A 37 16.08 9.56 -6.50
N ALA A 38 15.16 8.61 -6.75
CA ALA A 38 14.00 8.92 -7.57
C ALA A 38 13.10 9.96 -6.91
N VAL A 39 13.01 9.94 -5.58
CA VAL A 39 12.15 10.89 -4.88
C VAL A 39 12.78 12.28 -4.86
N PHE A 40 14.10 12.35 -4.66
CA PHE A 40 14.77 13.63 -4.48
C PHE A 40 15.18 14.31 -5.77
N THR A 41 15.23 13.59 -6.89
CA THR A 41 15.73 14.17 -8.14
C THR A 41 14.62 14.68 -9.05
N SER A 42 13.38 14.28 -8.85
CA SER A 42 12.30 14.68 -9.74
C SER A 42 12.02 16.17 -9.60
N ARG A 43 11.68 16.80 -10.73
CA ARG A 43 11.42 18.24 -10.77
C ARG A 43 9.97 18.49 -10.40
N ALA A 44 9.71 18.59 -9.09
CA ALA A 44 8.38 18.87 -8.56
C ALA A 44 7.39 17.76 -8.87
N LEU A 45 7.89 16.54 -9.08
CA LEU A 45 7.02 15.38 -9.25
C LEU A 45 6.71 14.67 -7.95
N LYS A 46 7.53 14.85 -6.93
CA LYS A 46 7.33 14.22 -5.63
C LYS A 46 7.08 15.27 -4.56
N ALA A 47 6.08 15.01 -3.71
CA ALA A 47 5.59 15.91 -2.70
C ALA A 47 6.33 15.70 -1.38
N PRO A 48 6.26 16.67 -0.45
CA PRO A 48 6.83 16.44 0.88
C PRO A 48 6.23 15.26 1.62
N GLN A 49 5.01 14.84 1.26
CA GLN A 49 4.41 13.68 1.90
C GLN A 49 5.14 12.39 1.55
N ASN A 50 5.98 12.40 0.52
CA ASN A 50 6.82 11.26 0.18
C ASN A 50 8.16 11.29 0.89
N LEU A 51 8.39 12.27 1.79
CA LEU A 51 9.62 12.28 2.57
C LEU A 51 9.73 11.06 3.46
N PHE A 52 8.59 10.55 3.94
CA PHE A 52 8.60 9.31 4.73
C PHE A 52 9.16 8.15 3.91
N LEU A 53 8.93 8.16 2.60
CA LEU A 53 9.37 7.04 1.78
C LEU A 53 10.89 6.92 1.74
N VAL A 54 11.60 8.04 1.89
CA VAL A 54 13.06 7.97 1.91
C VAL A 54 13.56 7.60 3.30
N SER A 55 12.83 7.97 4.35
CA SER A 55 13.21 7.57 5.70
C SER A 55 13.00 6.08 5.90
N LEU A 56 11.84 5.56 5.48
CA LEU A 56 11.63 4.13 5.48
C LEU A 56 12.65 3.42 4.60
N ALA A 57 13.06 4.06 3.50
CA ALA A 57 14.09 3.49 2.64
C ALA A 57 15.47 3.56 3.29
N SER A 58 15.80 4.71 3.89
CA SER A 58 17.09 4.85 4.57
C SER A 58 17.20 3.88 5.74
N ALA A 59 16.07 3.51 6.35
CA ALA A 59 16.09 2.50 7.40
C ALA A 59 16.36 1.11 6.82
N ASP A 60 15.79 0.82 5.64
CA ASP A 60 16.02 -0.49 5.02
C ASP A 60 17.47 -0.66 4.63
N ILE A 61 18.10 0.38 4.07
CA ILE A 61 19.53 0.30 3.78
C ILE A 61 20.32 0.10 5.06
N LEU A 62 19.94 0.82 6.13
CA LEU A 62 20.63 0.67 7.40
C LEU A 62 20.47 -0.73 7.98
N VAL A 63 19.40 -1.44 7.61
CA VAL A 63 19.19 -2.81 8.11
C VAL A 63 19.89 -3.85 7.24
N ALA A 64 20.33 -3.47 6.03
CA ALA A 64 21.04 -4.36 5.13
C ALA A 64 22.56 -4.31 5.30
N THR A 65 23.12 -3.18 5.73
CA THR A 65 24.55 -3.06 5.88
C THR A 65 25.01 -3.14 7.33
N LEU A 66 24.09 -3.04 8.28
CA LEU A 66 24.45 -2.95 9.68
C LEU A 66 23.67 -3.94 10.56
N VAL A 67 22.85 -4.80 9.98
CA VAL A 67 22.03 -5.71 10.79
C VAL A 67 22.12 -7.14 10.28
N ILE A 68 21.78 -7.35 9.01
CA ILE A 68 21.73 -8.70 8.46
C ILE A 68 23.11 -9.33 8.29
N PRO A 69 24.21 -8.59 8.03
CA PRO A 69 25.51 -9.29 7.95
C PRO A 69 25.96 -9.87 9.27
N PHE A 70 25.74 -9.17 10.38
CA PHE A 70 26.11 -9.72 11.68
C PHE A 70 25.30 -10.96 12.02
N SER A 71 24.00 -10.94 11.71
CA SER A 71 23.17 -12.12 11.94
C SER A 71 23.59 -13.28 11.05
N LEU A 72 23.97 -12.97 9.81
CA LEU A 72 24.50 -14.02 8.92
C LEU A 72 25.74 -14.66 9.52
N ALA A 73 26.67 -13.84 10.03
CA ALA A 73 27.89 -14.38 10.63
C ALA A 73 27.56 -15.23 11.85
N ASN A 74 26.67 -14.74 12.71
CA ASN A 74 26.29 -15.50 13.90
C ASN A 74 25.56 -16.80 13.54
N GLU A 75 25.03 -16.90 12.32
CA GLU A 75 24.33 -18.11 11.88
C GLU A 75 25.27 -19.16 11.30
N VAL A 76 26.37 -18.75 10.68
CA VAL A 76 27.28 -19.69 10.02
C VAL A 76 28.52 -19.98 10.88
N MET A 77 29.17 -18.95 11.40
CA MET A 77 30.39 -19.14 12.17
C MET A 77 30.14 -19.24 13.67
N GLY A 78 28.87 -19.29 14.08
CA GLY A 78 28.53 -19.27 15.48
C GLY A 78 28.39 -17.85 16.00
N TYR A 79 27.79 -17.73 17.18
CA TYR A 79 27.51 -16.41 17.77
C TYR A 79 28.78 -15.83 18.38
N TRP A 80 29.80 -15.63 17.53
CA TRP A 80 31.06 -15.07 17.96
C TRP A 80 30.99 -13.55 17.86
N TYR A 81 30.30 -12.96 18.83
CA TYR A 81 30.23 -11.50 18.91
C TYR A 81 31.55 -10.94 19.41
N PHE A 82 32.08 -9.93 18.71
CA PHE A 82 33.37 -9.37 19.07
C PHE A 82 33.13 -8.17 19.98
N GLY A 83 33.18 -8.42 21.29
CA GLY A 83 32.94 -7.40 22.30
C GLY A 83 31.51 -7.37 22.76
N LYS A 84 31.31 -6.86 23.98
CA LYS A 84 29.96 -6.69 24.49
C LYS A 84 29.25 -5.56 23.76
N ALA A 85 29.99 -4.53 23.34
CA ALA A 85 29.39 -3.47 22.55
C ALA A 85 28.85 -3.97 21.22
N TRP A 86 29.38 -5.10 20.74
CA TRP A 86 28.87 -5.71 19.53
C TRP A 86 27.38 -6.02 19.67
N CYS A 87 27.04 -6.94 20.58
CA CYS A 87 25.64 -7.29 20.80
C CYS A 87 24.82 -6.08 21.22
N GLU A 88 25.44 -5.13 21.93
CA GLU A 88 24.72 -3.96 22.41
C GLU A 88 24.15 -3.14 21.25
N ILE A 89 25.02 -2.58 20.41
CA ILE A 89 24.56 -1.76 19.30
C ILE A 89 23.87 -2.62 18.26
N TYR A 90 24.22 -3.90 18.17
CA TYR A 90 23.61 -4.78 17.17
C TYR A 90 22.14 -5.01 17.47
N LEU A 91 21.82 -5.45 18.69
CA LEU A 91 20.43 -5.64 19.07
C LEU A 91 19.67 -4.31 19.14
N ALA A 92 20.37 -3.24 19.51
CA ALA A 92 19.71 -1.95 19.64
C ALA A 92 19.21 -1.44 18.28
N LEU A 93 20.11 -1.39 17.30
CA LEU A 93 19.71 -0.91 15.98
C LEU A 93 18.81 -1.90 15.25
N ASP A 94 18.96 -3.19 15.53
CA ASP A 94 18.12 -4.19 14.87
C ASP A 94 16.67 -4.06 15.31
N VAL A 95 16.44 -3.72 16.58
CA VAL A 95 15.08 -3.46 17.04
C VAL A 95 14.63 -2.05 16.63
N LEU A 96 15.56 -1.10 16.62
CA LEU A 96 15.21 0.28 16.28
C LEU A 96 14.68 0.39 14.86
N PHE A 97 15.33 -0.31 13.92
CA PHE A 97 14.93 -0.20 12.51
C PHE A 97 13.55 -0.82 12.28
N CYS A 98 13.26 -1.94 12.95
CA CYS A 98 11.94 -2.55 12.81
C CYS A 98 10.87 -1.69 13.45
N THR A 99 11.16 -1.12 14.63
CA THR A 99 10.20 -0.24 15.29
C THR A 99 9.99 1.04 14.48
N SER A 100 11.07 1.61 13.94
CA SER A 100 10.93 2.83 13.15
C SER A 100 10.16 2.56 11.86
N SER A 101 10.34 1.38 11.26
CA SER A 101 9.59 1.04 10.06
C SER A 101 8.10 0.93 10.35
N ALA A 102 7.76 0.29 11.47
CA ALA A 102 6.35 0.13 11.82
C ALA A 102 5.70 1.47 12.13
N TRP A 103 6.39 2.31 12.91
CA TRP A 103 5.82 3.61 13.27
C TRP A 103 5.81 4.56 12.09
N HIS A 104 6.76 4.42 11.16
CA HIS A 104 6.69 5.22 9.93
C HIS A 104 5.48 4.84 9.10
N LEU A 105 5.19 3.55 9.00
CA LEU A 105 3.98 3.12 8.30
C LEU A 105 2.72 3.62 9.00
N CYS A 106 2.74 3.65 10.33
CA CYS A 106 1.60 4.15 11.07
C CYS A 106 1.41 5.66 10.84
N ALA A 107 2.51 6.40 10.84
CA ALA A 107 2.42 7.84 10.56
C ALA A 107 2.01 8.11 9.13
N ILE A 108 2.44 7.26 8.19
CA ILE A 108 2.02 7.41 6.80
C ILE A 108 0.52 7.19 6.67
N SER A 109 0.00 6.13 7.30
CA SER A 109 -1.44 5.87 7.26
C SER A 109 -2.23 7.03 7.85
N LEU A 110 -1.72 7.62 8.94
CA LEU A 110 -2.37 8.81 9.51
C LEU A 110 -2.28 9.98 8.54
N ASP A 111 -1.18 10.09 7.80
CA ASP A 111 -1.05 11.16 6.82
C ASP A 111 -2.08 11.03 5.72
N ARG A 112 -2.30 9.81 5.23
CA ARG A 112 -3.30 9.61 4.17
C ARG A 112 -4.71 9.84 4.70
N TYR A 113 -4.97 9.40 5.94
CA TYR A 113 -6.30 9.57 6.52
C TYR A 113 -6.65 11.04 6.68
N TRP A 114 -5.69 11.85 7.17
CA TRP A 114 -5.95 13.27 7.37
C TRP A 114 -6.05 14.01 6.05
N SER A 115 -5.24 13.61 5.06
CA SER A 115 -5.32 14.24 3.75
C SER A 115 -6.64 13.92 3.06
N ILE A 116 -7.28 12.82 3.43
CA ILE A 116 -8.58 12.47 2.85
C ILE A 116 -9.71 13.17 3.59
N THR A 117 -9.67 13.14 4.93
CA THR A 117 -10.76 13.69 5.72
C THR A 117 -10.84 15.21 5.59
N GLN A 118 -9.71 15.89 5.78
CA GLN A 118 -9.64 17.35 5.75
C GLN A 118 -8.64 17.75 4.67
N ALA A 119 -9.14 17.94 3.45
CA ALA A 119 -8.26 18.23 2.31
C ALA A 119 -7.57 19.57 2.47
N ILE A 120 -8.35 20.65 2.52
CA ILE A 120 -7.77 22.00 2.50
C ILE A 120 -6.93 22.24 3.74
N GLU A 121 -7.47 21.92 4.92
CA GLU A 121 -6.80 22.24 6.17
C GLU A 121 -5.48 21.49 6.30
N TYR A 122 -5.50 20.17 6.09
CA TYR A 122 -4.29 19.38 6.24
C TYR A 122 -3.28 19.67 5.14
N ASN A 123 -3.75 20.04 3.95
CA ASN A 123 -2.82 20.46 2.89
C ASN A 123 -2.07 21.72 3.26
N LEU A 124 -2.67 22.59 4.08
CA LEU A 124 -1.96 23.78 4.53
C LEU A 124 -0.95 23.45 5.61
N LYS A 125 -1.20 22.41 6.40
CA LYS A 125 -0.29 21.96 7.44
C LYS A 125 0.66 20.88 6.96
N ARG A 126 0.64 20.54 5.68
CA ARG A 126 1.53 19.52 5.11
C ARG A 126 2.85 20.10 4.63
N THR A 127 3.38 21.10 5.34
CA THR A 127 4.62 21.71 4.95
C THR A 127 5.79 20.74 5.14
N PRO A 128 6.87 20.90 4.38
CA PRO A 128 8.05 20.04 4.59
C PRO A 128 8.62 20.13 6.00
N ARG A 129 8.46 21.27 6.67
CA ARG A 129 8.92 21.40 8.04
C ARG A 129 8.12 20.49 8.97
N ARG A 130 6.81 20.41 8.76
CA ARG A 130 5.97 19.54 9.58
C ARG A 130 6.29 18.07 9.32
N ILE A 131 6.56 17.72 8.06
CA ILE A 131 6.88 16.33 7.73
C ILE A 131 8.23 15.95 8.33
N LYS A 132 9.22 16.83 8.25
CA LYS A 132 10.53 16.53 8.83
C LYS A 132 10.44 16.41 10.34
N ALA A 133 9.58 17.22 10.97
CA ALA A 133 9.39 17.11 12.41
C ALA A 133 8.73 15.80 12.79
N ILE A 134 7.80 15.32 11.96
CA ILE A 134 7.18 14.03 12.23
C ILE A 134 8.19 12.91 12.11
N ILE A 135 9.05 12.97 11.08
CA ILE A 135 10.06 11.93 10.90
C ILE A 135 11.03 11.90 12.06
N ILE A 136 11.49 13.07 12.51
CA ILE A 136 12.40 13.11 13.65
C ILE A 136 11.72 12.62 14.91
N THR A 137 10.46 12.97 15.12
CA THR A 137 9.73 12.51 16.30
C THR A 137 9.55 11.00 16.28
N VAL A 138 9.24 10.43 15.11
CA VAL A 138 9.08 8.99 15.00
C VAL A 138 10.40 8.27 15.29
N TRP A 139 11.51 8.82 14.77
CA TRP A 139 12.81 8.23 15.05
C TRP A 139 13.16 8.33 16.53
N VAL A 140 12.80 9.43 17.18
CA VAL A 140 13.11 9.61 18.59
C VAL A 140 12.30 8.63 19.44
N ILE A 141 10.99 8.57 19.21
CA ILE A 141 10.16 7.67 20.00
C ILE A 141 10.47 6.21 19.68
N SER A 142 10.92 5.93 18.46
CA SER A 142 11.33 4.57 18.13
C SER A 142 12.59 4.18 18.90
N ALA A 143 13.53 5.11 19.04
CA ALA A 143 14.73 4.84 19.82
C ALA A 143 14.41 4.71 21.31
N VAL A 144 13.37 5.40 21.77
CA VAL A 144 12.98 5.28 23.17
C VAL A 144 12.29 3.96 23.43
N ILE A 145 11.36 3.57 22.55
CA ILE A 145 10.64 2.31 22.72
C ILE A 145 11.60 1.13 22.57
N SER A 146 12.55 1.22 21.64
CA SER A 146 13.47 0.11 21.41
C SER A 146 14.45 -0.04 22.57
N PHE A 147 14.81 1.05 23.24
CA PHE A 147 15.75 1.00 24.34
C PHE A 147 15.13 0.31 25.55
N PRO A 148 15.69 -0.80 26.03
CA PRO A 148 15.10 -1.51 27.16
C PRO A 148 15.53 -0.89 28.48
N PRO A 149 14.83 -1.19 29.58
CA PRO A 149 15.24 -0.67 30.90
C PRO A 149 16.42 -1.44 31.49
N LEU A 150 17.59 -1.27 30.86
CA LEU A 150 18.90 -1.77 31.29
C LEU A 150 19.07 -3.27 31.11
N ILE A 151 18.04 -4.00 30.68
CA ILE A 151 18.18 -5.43 30.40
C ILE A 151 18.59 -5.53 28.92
N SER A 152 19.90 -5.53 28.68
CA SER A 152 20.40 -5.37 27.33
C SER A 152 20.24 -6.66 26.51
N ILE A 153 20.94 -7.72 26.91
CA ILE A 153 20.95 -8.95 26.12
C ILE A 153 20.86 -10.15 27.04
N GLU A 154 21.35 -11.29 26.57
CA GLU A 154 21.33 -12.55 27.31
C GLU A 154 19.91 -12.94 27.73
N PRO A 164 30.99 -11.30 29.12
CA PRO A 164 31.61 -10.72 27.92
C PRO A 164 32.67 -11.64 27.32
N ALA A 165 32.87 -12.82 27.92
CA ALA A 165 33.82 -13.78 27.38
C ALA A 165 33.32 -14.36 26.07
N GLU A 166 32.17 -15.03 26.11
CA GLU A 166 31.50 -15.55 24.92
C GLU A 166 30.04 -15.14 24.97
N PRO A 167 29.75 -13.84 24.83
CA PRO A 167 28.36 -13.38 24.92
C PRO A 167 27.62 -13.49 23.59
N ARG A 168 26.89 -14.58 23.39
CA ARG A 168 26.12 -14.74 22.17
C ARG A 168 25.04 -13.67 22.09
N CYS A 169 24.94 -13.00 20.93
CA CYS A 169 23.95 -11.95 20.73
C CYS A 169 22.57 -12.59 20.67
N GLU A 170 22.08 -13.00 21.85
CA GLU A 170 20.73 -13.50 22.03
C GLU A 170 20.02 -12.56 22.99
N ILE A 171 19.00 -11.86 22.49
CA ILE A 171 18.32 -10.87 23.31
C ILE A 171 17.65 -11.53 24.49
N ASN A 172 17.45 -10.74 25.55
CA ASN A 172 16.81 -11.24 26.75
C ASN A 172 15.35 -11.60 26.46
N ASP A 173 14.83 -12.56 27.23
CA ASP A 173 13.47 -13.06 27.04
C ASP A 173 12.74 -13.07 28.38
N GLN A 174 12.59 -11.89 28.97
CA GLN A 174 11.78 -11.76 30.17
C GLN A 174 10.31 -11.97 29.83
N LYS A 175 9.57 -12.59 30.75
CA LYS A 175 8.17 -12.90 30.50
C LYS A 175 7.33 -11.63 30.38
N TRP A 176 7.76 -10.53 31.00
CA TRP A 176 7.00 -9.29 30.98
C TRP A 176 7.73 -8.15 30.27
N TYR A 177 8.84 -8.44 29.60
CA TYR A 177 9.48 -7.49 28.70
C TYR A 177 9.21 -7.79 27.24
N VAL A 178 9.06 -9.07 26.90
CA VAL A 178 8.73 -9.46 25.53
C VAL A 178 7.40 -8.84 25.11
N ILE A 179 6.41 -8.87 26.01
CA ILE A 179 5.09 -8.34 25.68
C ILE A 179 5.17 -6.84 25.44
N SER A 180 5.90 -6.12 26.31
CA SER A 180 6.00 -4.67 26.18
C SER A 180 6.69 -4.27 24.88
N SER A 181 7.80 -4.96 24.55
CA SER A 181 8.54 -4.63 23.35
C SER A 181 7.74 -4.94 22.10
N CYS A 182 6.99 -6.04 22.10
CA CYS A 182 6.25 -6.44 20.91
C CYS A 182 5.08 -5.49 20.64
N ILE A 183 4.26 -5.23 21.66
CA ILE A 183 3.16 -4.29 21.48
C ILE A 183 3.61 -2.85 21.38
N GLY A 184 4.89 -2.57 21.68
CA GLY A 184 5.41 -1.23 21.56
C GLY A 184 6.02 -0.97 20.20
N SER A 185 6.38 -2.05 19.50
CA SER A 185 7.03 -1.96 18.20
C SER A 185 6.10 -2.39 17.06
N PHE A 186 5.55 -3.60 17.14
CA PHE A 186 4.78 -4.15 16.03
C PHE A 186 3.27 -3.97 16.23
N PHE A 187 2.74 -4.45 17.35
CA PHE A 187 1.30 -4.64 17.48
C PHE A 187 0.54 -3.33 17.50
N ALA A 188 0.98 -2.37 18.32
CA ALA A 188 0.25 -1.10 18.40
C ALA A 188 0.29 -0.33 17.09
N PRO A 189 1.44 -0.12 16.43
CA PRO A 189 1.39 0.57 15.13
C PRO A 189 0.59 -0.19 14.08
N CYS A 190 0.75 -1.50 14.01
CA CYS A 190 0.02 -2.28 13.01
C CYS A 190 -1.48 -2.22 13.26
N LEU A 191 -1.90 -2.32 14.53
CA LEU A 191 -3.33 -2.23 14.83
C LEU A 191 -3.88 -0.86 14.47
N ILE A 192 -3.15 0.20 14.80
CA ILE A 192 -3.62 1.56 14.50
C ILE A 192 -3.67 1.79 12.99
N MET A 193 -2.63 1.37 12.27
CA MET A 193 -2.61 1.61 10.82
C MET A 193 -3.65 0.76 10.10
N ILE A 194 -3.95 -0.43 10.63
CA ILE A 194 -5.03 -1.23 10.06
C ILE A 194 -6.38 -0.58 10.35
N LEU A 195 -6.59 -0.12 11.58
CA LEU A 195 -7.81 0.59 11.92
C LEU A 195 -7.96 1.89 11.13
N VAL A 196 -6.85 2.45 10.64
CA VAL A 196 -6.93 3.65 9.82
C VAL A 196 -7.33 3.29 8.38
N TYR A 197 -6.71 2.26 7.81
CA TYR A 197 -6.95 1.92 6.42
C TYR A 197 -8.30 1.26 6.20
N VAL A 198 -8.90 0.64 7.23
CA VAL A 198 -10.25 0.11 7.07
C VAL A 198 -11.25 1.26 6.99
N ARG A 199 -10.98 2.36 7.70
CA ARG A 199 -11.82 3.54 7.57
C ARG A 199 -11.60 4.21 6.21
N ILE A 200 -10.36 4.18 5.71
CA ILE A 200 -10.09 4.69 4.38
C ILE A 200 -10.85 3.89 3.33
N TYR A 201 -10.87 2.56 3.48
CA TYR A 201 -11.59 1.70 2.55
C TYR A 201 -13.09 1.96 2.62
N GLN A 202 -13.63 2.10 3.83
CA GLN A 202 -15.06 2.35 3.99
C GLN A 202 -15.47 3.70 3.39
N ILE A 203 -14.63 4.72 3.57
CA ILE A 203 -14.95 6.04 3.04
C ILE A 203 -14.94 6.01 1.51
N ALA A 204 -13.96 5.34 0.93
CA ALA A 204 -13.87 5.25 -0.53
C ALA A 204 -15.07 4.52 -1.12
N LYS A 205 -15.49 3.43 -0.50
CA LYS A 205 -16.61 2.65 -1.03
C LYS A 205 -17.93 3.38 -0.84
N ARG A 206 -18.11 4.07 0.30
CA ARG A 206 -19.31 4.87 0.49
C ARG A 206 -19.37 6.03 -0.50
N ARG A 207 -18.21 6.54 -0.92
CA ARG A 207 -18.19 7.67 -1.84
C ARG A 207 -18.49 7.24 -3.27
N THR A 208 -18.13 6.02 -3.64
CA THR A 208 -18.35 5.51 -4.99
C THR A 208 -19.53 4.56 -5.09
N ALA A 209 -20.30 4.40 -4.01
CA ALA A 209 -21.36 3.39 -4.01
C ALA A 209 -22.46 3.73 -5.00
N ASP A 210 -22.90 5.00 -5.02
CA ASP A 210 -24.02 5.39 -5.87
C ASP A 210 -23.68 5.24 -7.35
N LEU A 211 -22.48 5.65 -7.76
CA LEU A 211 -22.11 5.54 -9.16
C LEU A 211 -21.92 4.08 -9.56
N GLU A 212 -21.37 3.26 -8.66
CA GLU A 212 -21.25 1.83 -8.93
C GLU A 212 -22.62 1.17 -9.02
N ASP A 213 -23.60 1.67 -8.27
CA ASP A 213 -24.96 1.16 -8.38
C ASP A 213 -25.55 1.46 -9.76
N ASN A 214 -25.42 2.71 -10.21
CA ASN A 214 -25.92 3.09 -11.53
C ASN A 214 -25.22 2.31 -12.63
N TRP A 215 -23.91 2.09 -12.48
CA TRP A 215 -23.16 1.34 -13.49
C TRP A 215 -23.61 -0.11 -13.54
N GLU A 216 -23.88 -0.71 -12.38
CA GLU A 216 -24.33 -2.10 -12.36
C GLU A 216 -25.74 -2.24 -12.90
N THR A 217 -26.59 -1.22 -12.69
CA THR A 217 -27.92 -1.24 -13.28
C THR A 217 -27.84 -1.18 -14.80
N LEU A 218 -26.96 -0.33 -15.32
CA LEU A 218 -26.76 -0.26 -16.77
C LEU A 218 -26.29 -1.59 -17.33
N ASN A 219 -25.39 -2.28 -16.61
CA ASN A 219 -24.86 -3.55 -17.09
C ASN A 219 -25.93 -4.64 -17.09
N ASP A 220 -26.69 -4.76 -16.00
CA ASP A 220 -27.72 -5.79 -15.91
C ASP A 220 -28.78 -5.60 -17.00
N ASN A 221 -29.21 -4.36 -17.26
CA ASN A 221 -30.22 -4.12 -18.28
C ASN A 221 -29.65 -4.31 -19.68
N LEU A 222 -28.35 -4.06 -19.88
CA LEU A 222 -27.70 -4.41 -21.15
C LEU A 222 -27.67 -5.92 -21.38
N LYS A 223 -27.39 -6.69 -20.34
CA LYS A 223 -27.46 -8.15 -20.45
C LYS A 223 -28.89 -8.63 -20.66
N VAL A 224 -29.87 -7.94 -20.08
CA VAL A 224 -31.26 -8.30 -20.30
C VAL A 224 -31.62 -8.16 -21.78
N ILE A 225 -31.23 -7.02 -22.38
CA ILE A 225 -31.47 -6.80 -23.81
C ILE A 225 -30.69 -7.81 -24.64
N GLU A 226 -29.50 -8.20 -24.18
CA GLU A 226 -28.70 -9.18 -24.91
C GLU A 226 -29.44 -10.51 -25.06
N LYS A 227 -30.06 -10.99 -23.98
CA LYS A 227 -30.80 -12.24 -23.99
C LYS A 227 -32.31 -12.04 -24.09
N ALA A 228 -32.76 -10.84 -24.43
CA ALA A 228 -34.18 -10.59 -24.60
C ALA A 228 -34.71 -11.29 -25.83
N ASP A 229 -36.04 -11.47 -25.88
CA ASP A 229 -36.71 -12.13 -26.99
C ASP A 229 -37.97 -11.42 -27.45
N ASN A 230 -38.36 -10.32 -26.82
CA ASN A 230 -39.53 -9.57 -27.24
C ASN A 230 -39.29 -8.09 -26.99
N ALA A 231 -40.20 -7.26 -27.52
CA ALA A 231 -40.02 -5.82 -27.45
C ALA A 231 -40.28 -5.27 -26.06
N ALA A 232 -41.09 -5.97 -25.26
CA ALA A 232 -41.41 -5.47 -23.92
C ALA A 232 -40.19 -5.51 -23.01
N GLN A 233 -39.39 -6.56 -23.10
CA GLN A 233 -38.22 -6.68 -22.23
C GLN A 233 -37.18 -5.61 -22.55
N VAL A 234 -36.88 -5.42 -23.84
CA VAL A 234 -35.85 -4.45 -24.23
C VAL A 234 -36.33 -3.03 -23.95
N LYS A 235 -37.62 -2.75 -24.18
CA LYS A 235 -38.14 -1.42 -23.88
C LYS A 235 -38.06 -1.13 -22.38
N ASP A 236 -38.42 -2.10 -21.55
CA ASP A 236 -38.33 -1.89 -20.11
C ASP A 236 -36.89 -1.68 -19.67
N ALA A 237 -35.96 -2.49 -20.19
CA ALA A 237 -34.56 -2.34 -19.80
C ALA A 237 -34.00 -0.99 -20.26
N LEU A 238 -34.42 -0.52 -21.44
CA LEU A 238 -33.96 0.78 -21.92
C LEU A 238 -34.50 1.90 -21.06
N THR A 239 -35.74 1.78 -20.58
CA THR A 239 -36.29 2.81 -19.70
C THR A 239 -35.55 2.86 -18.37
N LYS A 240 -35.25 1.68 -17.80
CA LYS A 240 -34.46 1.65 -16.57
C LYS A 240 -33.05 2.14 -16.81
N MET A 241 -32.51 1.91 -18.00
CA MET A 241 -31.19 2.44 -18.32
C MET A 241 -31.20 3.96 -18.43
N ARG A 242 -32.30 4.52 -18.95
CA ARG A 242 -32.42 5.96 -19.05
C ARG A 242 -32.41 6.60 -17.67
N ALA A 243 -33.13 6.00 -16.72
CA ALA A 243 -33.12 6.51 -15.35
C ALA A 243 -31.75 6.33 -14.70
N ALA A 244 -31.08 5.22 -14.98
CA ALA A 244 -29.76 4.99 -14.40
C ALA A 244 -28.73 5.95 -14.98
N ALA A 245 -28.81 6.21 -16.29
CA ALA A 245 -27.84 7.11 -16.91
C ALA A 245 -28.01 8.54 -16.42
N LEU A 246 -29.26 8.98 -16.27
CA LEU A 246 -29.50 10.33 -15.75
C LEU A 246 -29.05 10.46 -14.30
N ASP A 247 -29.18 9.38 -13.52
CA ASP A 247 -28.70 9.40 -12.15
C ASP A 247 -27.18 9.42 -12.10
N ALA A 248 -26.53 8.59 -12.93
CA ALA A 248 -25.07 8.57 -12.94
C ALA A 248 -24.49 9.87 -13.48
N GLN A 249 -25.24 10.59 -14.32
CA GLN A 249 -24.75 11.85 -14.85
C GLN A 249 -24.53 12.89 -13.75
N LYS A 250 -25.37 12.87 -12.71
CA LYS A 250 -25.25 13.79 -11.59
C LYS A 250 -24.18 13.38 -10.59
N ALA A 251 -23.46 12.29 -10.84
CA ALA A 251 -22.43 11.84 -9.92
C ALA A 251 -21.07 12.41 -10.32
N THR A 252 -20.11 12.31 -9.41
CA THR A 252 -18.74 12.73 -9.66
C THR A 252 -17.84 11.51 -9.73
N PRO A 253 -17.23 11.22 -10.88
CA PRO A 253 -16.44 9.99 -11.02
C PRO A 253 -15.19 10.04 -10.16
N PRO A 254 -14.61 8.88 -9.83
CA PRO A 254 -13.44 8.87 -8.94
C PRO A 254 -12.24 9.61 -9.50
N LYS A 255 -12.01 9.54 -10.81
CA LYS A 255 -10.84 10.22 -11.39
C LYS A 255 -11.01 11.74 -11.33
N LEU A 256 -12.23 12.23 -11.51
CA LEU A 256 -12.53 13.66 -11.45
C LEU A 256 -13.01 14.10 -10.08
N GLU A 257 -12.50 13.50 -9.02
CA GLU A 257 -12.96 13.79 -7.67
C GLU A 257 -12.56 15.19 -7.21
N ASP A 258 -11.51 15.76 -7.78
CA ASP A 258 -11.03 17.09 -7.42
C ASP A 258 -11.02 18.01 -8.63
N LYS A 259 -12.08 17.97 -9.44
CA LYS A 259 -12.18 18.77 -10.64
C LYS A 259 -13.41 19.68 -10.58
N SER A 260 -13.35 20.77 -11.33
CA SER A 260 -14.40 21.77 -11.37
C SER A 260 -15.46 21.40 -12.39
N PRO A 261 -16.67 21.94 -12.27
CA PRO A 261 -17.70 21.69 -13.29
C PRO A 261 -17.33 22.27 -14.65
N ASP A 262 -16.57 23.37 -14.69
CA ASP A 262 -16.11 23.92 -15.96
C ASP A 262 -14.86 23.21 -16.47
N SER A 263 -14.38 22.19 -15.78
CA SER A 263 -13.24 21.43 -16.28
C SER A 263 -13.65 20.65 -17.54
N PRO A 264 -12.75 20.53 -18.51
CA PRO A 264 -13.12 19.82 -19.76
C PRO A 264 -13.46 18.35 -19.54
N GLU A 265 -12.86 17.71 -18.54
CA GLU A 265 -13.18 16.31 -18.29
C GLU A 265 -14.55 16.15 -17.66
N MET A 266 -14.92 17.04 -16.74
CA MET A 266 -16.26 17.01 -16.17
C MET A 266 -17.31 17.30 -17.24
N LYS A 267 -17.01 18.24 -18.14
CA LYS A 267 -17.90 18.47 -19.27
C LYS A 267 -17.99 17.25 -20.17
N ASP A 268 -16.87 16.55 -20.37
CA ASP A 268 -16.88 15.34 -21.17
C ASP A 268 -17.67 14.23 -20.49
N PHE A 269 -17.59 14.14 -19.16
CA PHE A 269 -18.38 13.16 -18.43
C PHE A 269 -19.87 13.44 -18.57
N ARG A 270 -20.26 14.71 -18.39
CA ARG A 270 -21.66 15.08 -18.53
C ARG A 270 -22.15 14.86 -19.95
N HIS A 271 -21.37 15.32 -20.94
CA HIS A 271 -21.79 15.17 -22.34
C HIS A 271 -21.83 13.71 -22.75
N GLY A 272 -20.98 12.87 -22.18
CA GLY A 272 -21.01 11.46 -22.52
C GLY A 272 -22.31 10.79 -22.12
N PHE A 273 -22.83 11.14 -20.94
CA PHE A 273 -24.12 10.60 -20.51
C PHE A 273 -25.27 11.25 -21.27
N ASP A 274 -25.09 12.49 -21.72
CA ASP A 274 -26.07 13.10 -22.62
C ASP A 274 -26.19 12.31 -23.91
N ILE A 275 -25.05 11.92 -24.48
CA ILE A 275 -25.06 11.11 -25.71
C ILE A 275 -25.67 9.75 -25.43
N LEU A 276 -25.36 9.16 -24.26
CA LEU A 276 -25.90 7.85 -23.93
C LEU A 276 -27.42 7.90 -23.80
N VAL A 277 -27.96 8.96 -23.20
CA VAL A 277 -29.40 9.10 -23.08
C VAL A 277 -30.04 9.29 -24.45
N GLY A 278 -29.37 10.04 -25.33
CA GLY A 278 -29.89 10.21 -26.69
C GLY A 278 -29.92 8.90 -27.45
N GLN A 279 -28.89 8.07 -27.31
CA GLN A 279 -28.88 6.78 -27.96
C GLN A 279 -29.91 5.84 -27.35
N ILE A 280 -30.18 5.97 -26.06
CA ILE A 280 -31.24 5.19 -25.43
C ILE A 280 -32.60 5.58 -25.99
N ASP A 281 -32.81 6.88 -26.23
CA ASP A 281 -34.06 7.34 -26.83
C ASP A 281 -34.23 6.79 -28.23
N ASP A 282 -33.15 6.74 -29.02
CA ASP A 282 -33.22 6.16 -30.35
C ASP A 282 -33.52 4.67 -30.29
N ALA A 283 -32.90 3.96 -29.33
CA ALA A 283 -33.17 2.54 -29.18
C ALA A 283 -34.60 2.28 -28.72
N LEU A 284 -35.16 3.18 -27.91
CA LEU A 284 -36.56 3.06 -27.52
C LEU A 284 -37.48 3.30 -28.71
N LYS A 285 -37.11 4.23 -29.59
CA LYS A 285 -37.89 4.46 -30.80
C LYS A 285 -37.89 3.22 -31.69
N LEU A 286 -36.78 2.48 -31.72
CA LEU A 286 -36.73 1.22 -32.45
C LEU A 286 -37.56 0.15 -31.77
N ALA A 287 -37.48 0.07 -30.44
CA ALA A 287 -38.15 -1.01 -29.72
C ALA A 287 -39.67 -0.87 -29.79
N ASN A 288 -40.18 0.36 -29.78
CA ASN A 288 -41.63 0.56 -29.85
C ASN A 288 -42.20 0.16 -31.20
N GLU A 289 -41.36 0.07 -32.24
CA GLU A 289 -41.79 -0.34 -33.56
C GLU A 289 -41.70 -1.86 -33.75
N GLY A 290 -41.39 -2.61 -32.69
CA GLY A 290 -41.29 -4.05 -32.76
C GLY A 290 -39.98 -4.58 -33.30
N LYS A 291 -39.09 -3.71 -33.76
CA LYS A 291 -37.80 -4.12 -34.33
C LYS A 291 -36.87 -4.48 -33.17
N VAL A 292 -37.00 -5.73 -32.71
CA VAL A 292 -36.26 -6.17 -31.53
C VAL A 292 -34.77 -6.27 -31.83
N LYS A 293 -34.42 -6.93 -32.94
CA LYS A 293 -33.01 -7.14 -33.28
C LYS A 293 -32.30 -5.81 -33.52
N GLU A 294 -32.99 -4.84 -34.12
CA GLU A 294 -32.38 -3.54 -34.35
C GLU A 294 -32.17 -2.80 -33.03
N ALA A 295 -33.10 -2.94 -32.09
CA ALA A 295 -32.95 -2.31 -30.79
C ALA A 295 -31.82 -2.94 -30.00
N GLN A 296 -31.65 -4.26 -30.12
CA GLN A 296 -30.54 -4.93 -29.44
C GLN A 296 -29.19 -4.51 -30.03
N ALA A 297 -29.14 -4.31 -31.35
CA ALA A 297 -27.92 -3.82 -31.97
C ALA A 297 -27.60 -2.41 -31.50
N ALA A 298 -28.62 -1.55 -31.41
CA ALA A 298 -28.42 -0.21 -30.87
C ALA A 298 -28.01 -0.26 -29.41
N ALA A 299 -28.48 -1.26 -28.67
CA ALA A 299 -28.06 -1.41 -27.28
C ALA A 299 -26.57 -1.76 -27.18
N GLU A 300 -26.09 -2.61 -28.10
CA GLU A 300 -24.66 -2.91 -28.12
C GLU A 300 -23.85 -1.68 -28.50
N GLN A 301 -24.39 -0.84 -29.39
CA GLN A 301 -23.66 0.35 -29.81
C GLN A 301 -23.54 1.37 -28.68
N LEU A 302 -24.63 1.56 -27.92
CA LEU A 302 -24.56 2.49 -26.80
C LEU A 302 -23.74 1.93 -25.64
N LYS A 303 -23.65 0.60 -25.54
CA LYS A 303 -22.74 0.01 -24.56
C LYS A 303 -21.30 0.36 -24.88
N THR A 304 -20.90 0.24 -26.15
CA THR A 304 -19.56 0.62 -26.56
C THR A 304 -19.35 2.12 -26.38
N THR A 305 -20.36 2.93 -26.68
CA THR A 305 -20.25 4.38 -26.51
C THR A 305 -20.07 4.73 -25.03
N ARG A 306 -20.81 4.07 -24.16
CA ARG A 306 -20.68 4.33 -22.72
C ARG A 306 -19.30 3.95 -22.22
N ASN A 307 -18.78 2.79 -22.66
CA ASN A 307 -17.46 2.35 -22.23
C ASN A 307 -16.37 3.30 -22.73
N ALA A 308 -16.51 3.78 -23.96
CA ALA A 308 -15.48 4.64 -24.53
C ALA A 308 -15.51 6.04 -23.92
N TYR A 309 -16.67 6.48 -23.46
CA TYR A 309 -16.82 7.83 -22.91
C TYR A 309 -16.54 7.92 -21.41
N ILE A 310 -17.00 6.94 -20.64
CA ILE A 310 -17.08 7.07 -19.20
C ILE A 310 -16.04 6.22 -18.47
N GLN A 311 -15.72 5.04 -19.01
CA GLN A 311 -14.96 4.05 -18.25
C GLN A 311 -13.59 4.57 -17.83
N LYS A 312 -13.02 5.50 -18.59
CA LYS A 312 -11.73 6.08 -18.20
C LYS A 312 -11.85 6.94 -16.94
N TYR A 313 -13.04 7.46 -16.64
CA TYR A 313 -13.25 8.26 -15.44
C TYR A 313 -13.58 7.43 -14.22
N LEU A 314 -13.88 6.13 -14.40
CA LEU A 314 -14.14 5.25 -13.27
C LEU A 314 -12.86 4.89 -12.51
N ARG A 315 -11.69 5.16 -13.07
CA ARG A 315 -10.45 4.90 -12.37
C ARG A 315 -10.25 5.90 -11.24
N GLN A 316 -9.37 5.53 -10.30
CA GLN A 316 -9.02 6.43 -9.21
C GLN A 316 -7.99 7.46 -9.68
N ASN A 317 -7.90 8.55 -8.93
CA ASN A 317 -6.89 9.56 -9.19
C ASN A 317 -5.55 9.10 -8.64
N ARG A 318 -4.52 9.93 -8.81
CA ARG A 318 -3.18 9.56 -8.38
C ARG A 318 -3.13 9.32 -6.87
N GLU A 319 -3.84 10.15 -6.10
CA GLU A 319 -3.77 10.04 -4.65
C GLU A 319 -4.36 8.71 -4.17
N LYS A 320 -5.53 8.33 -4.68
CA LYS A 320 -6.16 7.10 -4.24
C LYS A 320 -5.35 5.87 -4.67
N ARG A 321 -4.76 5.91 -5.87
CA ARG A 321 -3.94 4.81 -6.31
C ARG A 321 -2.70 4.63 -5.44
N PHE A 322 -2.11 5.75 -4.99
CA PHE A 322 -0.92 5.66 -4.15
C PHE A 322 -1.26 5.23 -2.73
N THR A 323 -2.44 5.61 -2.22
CA THR A 323 -2.88 5.11 -0.93
C THR A 323 -3.07 3.60 -0.98
N PHE A 324 -3.54 3.09 -2.12
CA PHE A 324 -3.65 1.64 -2.29
C PHE A 324 -2.26 1.00 -2.35
N VAL A 325 -1.30 1.67 -2.97
CA VAL A 325 0.08 1.17 -2.99
C VAL A 325 0.64 1.12 -1.58
N LEU A 326 0.42 2.18 -0.80
CA LEU A 326 0.86 2.17 0.59
C LEU A 326 0.08 1.16 1.42
N ALA A 327 -1.15 0.84 1.01
CA ALA A 327 -1.92 -0.17 1.72
C ALA A 327 -1.32 -1.56 1.54
N VAL A 328 -0.95 -1.91 0.30
CA VAL A 328 -0.33 -3.21 0.06
C VAL A 328 1.08 -3.26 0.61
N VAL A 329 1.74 -2.10 0.76
CA VAL A 329 3.02 -2.07 1.45
C VAL A 329 2.84 -2.39 2.92
N ILE A 330 1.79 -1.83 3.54
CA ILE A 330 1.47 -2.18 4.93
C ILE A 330 1.13 -3.66 5.03
N GLY A 331 0.37 -4.18 4.06
CA GLY A 331 0.05 -5.59 4.07
C GLY A 331 1.28 -6.47 3.98
N VAL A 332 2.21 -6.13 3.10
CA VAL A 332 3.45 -6.89 2.99
C VAL A 332 4.24 -6.81 4.29
N PHE A 333 4.31 -5.62 4.89
CA PHE A 333 5.04 -5.45 6.14
C PHE A 333 4.44 -6.31 7.25
N VAL A 334 3.11 -6.32 7.36
CA VAL A 334 2.47 -7.14 8.38
C VAL A 334 2.67 -8.62 8.09
N VAL A 335 2.53 -9.03 6.83
CA VAL A 335 2.70 -10.43 6.47
C VAL A 335 4.12 -10.89 6.79
N CYS A 336 5.10 -10.03 6.56
CA CYS A 336 6.49 -10.43 6.77
C CYS A 336 6.83 -10.55 8.26
N TRP A 337 6.27 -9.69 9.09
CA TRP A 337 6.67 -9.59 10.50
C TRP A 337 5.69 -10.21 11.47
N PHE A 338 4.46 -10.54 11.05
CA PHE A 338 3.47 -11.02 12.00
C PHE A 338 3.84 -12.38 12.61
N PRO A 339 4.14 -13.42 11.84
CA PRO A 339 4.42 -14.72 12.48
C PRO A 339 5.62 -14.68 13.41
N PHE A 340 6.58 -13.79 13.16
CA PHE A 340 7.73 -13.66 14.05
C PHE A 340 7.31 -13.13 15.41
N PHE A 341 6.62 -11.98 15.43
CA PHE A 341 6.13 -11.44 16.70
C PHE A 341 5.12 -12.36 17.35
N PHE A 342 4.35 -13.10 16.56
CA PHE A 342 3.35 -14.02 17.10
C PHE A 342 3.99 -15.11 17.93
N THR A 343 4.98 -15.81 17.36
CA THR A 343 5.63 -16.90 18.08
C THR A 343 6.57 -16.36 19.16
N TYR A 344 7.19 -15.20 18.94
CA TYR A 344 8.05 -14.62 19.97
C TYR A 344 7.25 -14.23 21.21
N THR A 345 5.99 -13.84 21.03
CA THR A 345 5.12 -13.62 22.19
C THR A 345 4.63 -14.93 22.77
N LEU A 346 4.45 -15.96 21.94
CA LEU A 346 3.97 -17.23 22.43
C LEU A 346 4.99 -17.91 23.34
N THR A 347 6.28 -17.69 23.09
CA THR A 347 7.31 -18.27 23.94
C THR A 347 7.29 -17.67 25.34
N ALA A 348 6.78 -16.44 25.49
CA ALA A 348 6.75 -15.81 26.80
C ALA A 348 5.73 -16.46 27.72
N VAL A 349 4.68 -17.05 27.17
CA VAL A 349 3.65 -17.70 27.97
C VAL A 349 3.84 -19.23 28.00
N GLY A 350 4.98 -19.72 27.53
CA GLY A 350 5.26 -21.14 27.57
C GLY A 350 4.81 -21.89 26.34
N CYS A 351 5.53 -21.73 25.22
CA CYS A 351 5.24 -22.44 23.99
C CYS A 351 6.54 -22.80 23.30
N SER A 352 6.55 -23.95 22.64
CA SER A 352 7.75 -24.48 22.00
C SER A 352 7.73 -24.18 20.51
N VAL A 353 8.89 -23.78 19.99
CA VAL A 353 9.06 -23.51 18.56
C VAL A 353 10.42 -24.04 18.12
N PRO A 354 10.53 -24.65 16.95
CA PRO A 354 11.83 -25.13 16.48
C PRO A 354 12.80 -23.98 16.23
N ARG A 355 14.09 -24.31 16.30
CA ARG A 355 15.12 -23.29 16.14
C ARG A 355 15.19 -22.78 14.71
N THR A 356 15.21 -23.70 13.74
CA THR A 356 15.26 -23.30 12.33
C THR A 356 13.98 -22.58 11.92
N LEU A 357 12.83 -23.04 12.41
CA LEU A 357 11.57 -22.37 12.09
C LEU A 357 11.51 -20.99 12.73
N PHE A 358 11.95 -20.86 13.99
CA PHE A 358 11.98 -19.56 14.63
C PHE A 358 12.97 -18.62 13.96
N LYS A 359 14.02 -19.17 13.34
CA LYS A 359 14.97 -18.33 12.61
C LYS A 359 14.37 -17.83 11.30
N PHE A 360 13.67 -18.71 10.56
CA PHE A 360 13.09 -18.31 9.29
C PHE A 360 11.93 -17.34 9.45
N PHE A 361 11.32 -17.28 10.65
CA PHE A 361 10.19 -16.39 10.83
C PHE A 361 10.61 -14.93 10.79
N PHE A 362 11.71 -14.58 11.44
CA PHE A 362 12.23 -13.22 11.29
C PHE A 362 13.11 -13.07 10.05
N TRP A 363 13.57 -14.18 9.46
CA TRP A 363 14.18 -14.11 8.14
C TRP A 363 13.19 -13.57 7.11
N PHE A 364 11.90 -13.88 7.28
CA PHE A 364 10.87 -13.29 6.44
C PHE A 364 10.73 -11.80 6.70
N GLY A 365 10.97 -11.35 7.94
CA GLY A 365 10.93 -9.93 8.21
C GLY A 365 12.14 -9.19 7.68
N TYR A 366 13.27 -9.88 7.54
CA TYR A 366 14.47 -9.23 7.02
C TYR A 366 14.32 -8.92 5.54
N CYS A 367 13.83 -9.88 4.75
CA CYS A 367 13.67 -9.66 3.32
C CYS A 367 12.54 -8.69 2.98
N ASN A 368 11.85 -8.15 3.98
CA ASN A 368 10.86 -7.11 3.72
C ASN A 368 11.52 -5.83 3.22
N SER A 369 12.77 -5.59 3.61
CA SER A 369 13.46 -4.36 3.18
C SER A 369 13.75 -4.37 1.69
N SER A 370 14.00 -5.54 1.11
CA SER A 370 14.19 -5.64 -0.33
C SER A 370 12.88 -5.79 -1.09
N LEU A 371 11.85 -6.36 -0.45
CA LEU A 371 10.54 -6.46 -1.06
C LEU A 371 9.80 -5.13 -1.08
N ASN A 372 10.26 -4.15 -0.30
CA ASN A 372 9.56 -2.87 -0.25
C ASN A 372 9.75 -2.04 -1.51
N PRO A 373 10.96 -1.87 -2.06
CA PRO A 373 11.10 -1.01 -3.24
C PRO A 373 10.43 -1.58 -4.49
N VAL A 374 10.39 -2.91 -4.65
CA VAL A 374 9.83 -3.48 -5.87
C VAL A 374 8.32 -3.32 -5.93
N ILE A 375 7.66 -3.07 -4.80
CA ILE A 375 6.22 -2.83 -4.81
C ILE A 375 5.90 -1.56 -5.60
N TYR A 376 6.78 -0.56 -5.51
CA TYR A 376 6.58 0.68 -6.26
C TYR A 376 6.67 0.43 -7.76
N THR A 377 7.63 -0.39 -8.18
CA THR A 377 7.77 -0.71 -9.61
C THR A 377 6.58 -1.49 -10.12
N ILE A 378 5.99 -2.35 -9.28
CA ILE A 378 4.88 -3.19 -9.71
C ILE A 378 3.60 -2.36 -9.85
N PHE A 379 3.28 -1.56 -8.83
CA PHE A 379 1.98 -0.93 -8.75
C PHE A 379 1.98 0.55 -9.12
N ASN A 380 3.13 1.20 -9.17
CA ASN A 380 3.20 2.63 -9.47
C ASN A 380 3.96 2.86 -10.76
N HIS A 381 3.53 3.88 -11.52
CA HIS A 381 4.14 4.19 -12.80
C HIS A 381 5.23 5.25 -12.70
N ASP A 382 5.10 6.19 -11.75
CA ASP A 382 6.11 7.23 -11.60
C ASP A 382 7.41 6.67 -11.06
N PHE A 383 7.33 5.82 -10.02
CA PHE A 383 8.54 5.20 -9.48
C PHE A 383 9.20 4.31 -10.52
N ARG A 384 8.42 3.54 -11.27
CA ARG A 384 8.98 2.67 -12.30
C ARG A 384 9.61 3.48 -13.43
N ARG A 385 8.99 4.60 -13.81
CA ARG A 385 9.57 5.45 -14.84
C ARG A 385 10.87 6.09 -14.36
N ALA A 386 10.91 6.50 -13.08
CA ALA A 386 12.12 7.12 -12.55
C ALA A 386 13.25 6.10 -12.44
N PHE A 387 12.92 4.86 -12.07
CA PHE A 387 13.94 3.81 -12.05
C PHE A 387 14.47 3.51 -13.44
N LYS A 388 13.57 3.49 -14.43
CA LYS A 388 13.99 3.28 -15.81
C LYS A 388 14.84 4.44 -16.31
N LYS A 389 14.56 5.66 -15.84
CA LYS A 389 15.35 6.81 -16.27
C LYS A 389 16.73 6.80 -15.65
N ILE A 390 16.85 6.38 -14.39
CA ILE A 390 18.15 6.29 -13.75
C ILE A 390 18.98 5.18 -14.37
N LEU A 391 18.32 4.08 -14.76
CA LEU A 391 19.05 2.92 -15.28
C LEU A 391 19.44 3.11 -16.73
N CYS A 392 18.58 3.74 -17.54
CA CYS A 392 18.85 3.87 -18.96
C CYS A 392 19.97 4.87 -19.23
N ARG A 393 19.82 6.10 -18.73
CA ARG A 393 20.82 7.14 -18.94
C ARG A 393 21.88 7.11 -17.84
C1 E3F B . 13.71 -9.56 18.13
N1 E3F B . 15.88 -9.49 15.05
O1 E3F B . 16.25 -12.34 19.66
C2 E3F B . 14.20 -9.22 16.86
N2 E3F B . 17.70 -12.65 17.39
O2 E3F B . 15.80 -14.30 18.19
C3 E3F B . 13.68 -8.12 16.20
O3 E3F B . 11.33 -6.85 18.70
C4 E3F B . 12.75 -7.31 16.82
C5 E3F B . 12.26 -7.63 18.09
C6 E3F B . 12.74 -8.76 18.73
C7 E3F B . 15.15 -10.05 16.24
C8 E3F B . 14.80 -8.95 14.22
C9 E3F B . 14.19 -7.77 14.98
C10 E3F B . 16.10 -10.74 17.24
C11 E3F B . 16.79 -11.88 16.49
C12 E3F B . 17.54 -11.30 15.33
C13 E3F B . 16.56 -10.62 14.39
C14 E3F B . 18.77 -11.76 17.88
C15 E3F B . 19.51 -11.15 16.69
C16 E3F B . 18.61 -10.32 15.80
C17 E3F B . 18.11 -14.30 19.67
C18 E3F B . 10.94 -5.72 17.90
C19 E3F B . 18.76 -15.37 18.78
S1 E3F B . 16.87 -13.35 18.71
C1 PEG C . 4.62 -1.02 25.56
O1 PEG C . 3.66 -0.81 26.57
C2 PEG C . 5.78 -0.04 25.75
O2 PEG C . 6.92 -0.58 25.15
C3 PEG C . 8.06 0.22 25.26
C4 PEG C . 8.85 -0.15 26.51
O4 PEG C . 8.53 0.74 27.55
C1 PEG D . -30.69 0.32 -2.38
O1 PEG D . -31.68 0.84 -3.25
C2 PEG D . -29.35 0.37 -3.11
O2 PEG D . -28.32 0.37 -2.15
C3 PEG D . -27.05 0.10 -2.69
C4 PEG D . -26.15 -0.41 -1.58
O4 PEG D . -24.83 -0.54 -2.04
C1 PEG E . -33.59 1.69 -12.60
O1 PEG E . -34.65 2.55 -12.92
C2 PEG E . -34.16 0.43 -11.93
O2 PEG E . -33.15 -0.52 -11.81
C3 PEG E . -33.28 -1.58 -12.70
C4 PEG E . -32.20 -2.62 -12.40
O4 PEG E . -32.56 -3.83 -13.00
C1 PEG F . -30.34 3.54 -10.96
O1 PEG F . -31.53 4.08 -11.48
C2 PEG F . -30.70 2.32 -10.11
O2 PEG F . -29.53 1.73 -9.62
C3 PEG F . -29.70 1.10 -8.40
C4 PEG F . -28.72 -0.06 -8.28
O4 PEG F . -28.88 -0.69 -7.04
C1 PEG G . -8.51 4.51 -2.22
O1 PEG G . -8.70 5.43 -1.18
C2 PEG G . -7.60 3.38 -1.74
O2 PEG G . -8.21 2.74 -0.65
C3 PEG G . -7.47 1.64 -0.17
C4 PEG G . -8.33 0.85 0.80
O4 PEG G . -7.63 -0.29 1.20
C1 OLA H . -4.69 18.20 11.16
O1 OLA H . -5.68 18.27 10.40
O2 OLA H . -3.88 19.16 11.19
C2 OLA H . -4.47 16.97 12.02
C3 OLA H . -3.06 16.98 12.58
C4 OLA H . -3.04 16.73 14.08
CAC FLC I . -7.10 15.15 -14.25
CA FLC I . -6.08 15.17 -13.13
CB FLC I . -5.27 13.87 -13.16
CBC FLC I . -5.86 12.90 -12.14
CG FLC I . -3.81 14.18 -12.81
CGC FLC I . -2.91 13.11 -13.42
OA1 FLC I . -7.26 16.18 -14.96
OA2 FLC I . -7.79 14.12 -14.47
OB1 FLC I . -7.09 12.88 -11.94
OB2 FLC I . -5.10 12.12 -11.49
OG1 FLC I . -3.41 12.07 -13.93
OG2 FLC I . -1.66 13.26 -13.40
OHB FLC I . -5.33 13.31 -14.44
#